data_6C0A
#
_entry.id   6C0A
#
loop_
_entity.id
_entity.type
_entity.pdbx_description
1 polymer Alpha-actinin-1
2 polymer 'Voltage-dependent L-type calcium channel subunit alpha-1C'
#
loop_
_entity_poly.entity_id
_entity_poly.type
_entity_poly.pdbx_seq_one_letter_code
_entity_poly.pdbx_strand_id
1 'polypeptide(L)' DTDTADQVMASFKILAGDKNYITMDELRRELPPDQAEYCIARMAPYTGPDSVPGALDYMSFSTALYGESDL A
2 'polypeptide(L)' GKFYATFLIQEYFRKFKKRKEQG B
#
# COMPACT_ATOMS: atom_id res chain seq x y z
N ASP A 1 10.73 3.23 -10.59
CA ASP A 1 11.81 3.00 -11.59
C ASP A 1 12.68 1.81 -11.20
N THR A 2 13.65 2.00 -10.31
CA THR A 2 14.53 0.92 -9.88
C THR A 2 14.04 0.34 -8.55
N ASP A 3 12.93 0.87 -8.09
CA ASP A 3 12.31 0.45 -6.86
C ASP A 3 11.16 -0.52 -7.14
N THR A 4 10.35 -0.75 -6.13
CA THR A 4 9.19 -1.63 -6.27
C THR A 4 7.95 -0.98 -5.65
N ALA A 5 8.03 0.34 -5.41
CA ALA A 5 6.92 1.09 -4.84
C ALA A 5 5.97 1.46 -5.96
N ASP A 6 6.57 1.86 -7.08
CA ASP A 6 5.83 2.21 -8.28
C ASP A 6 5.06 0.99 -8.77
N GLN A 7 5.68 -0.18 -8.63
CA GLN A 7 5.07 -1.42 -9.03
C GLN A 7 3.91 -1.77 -8.10
N VAL A 8 4.15 -1.67 -6.80
CA VAL A 8 3.12 -1.96 -5.79
C VAL A 8 1.93 -1.01 -5.98
N MET A 9 2.22 0.25 -6.30
CA MET A 9 1.18 1.25 -6.53
C MET A 9 0.29 0.84 -7.70
N ALA A 10 0.91 0.46 -8.81
CA ALA A 10 0.18 0.01 -9.98
C ALA A 10 -0.65 -1.23 -9.64
N SER A 11 -0.06 -2.12 -8.85
CA SER A 11 -0.73 -3.33 -8.44
C SER A 11 -1.88 -3.02 -7.48
N PHE A 12 -1.70 -2.01 -6.64
CA PHE A 12 -2.74 -1.61 -5.71
C PHE A 12 -3.90 -1.04 -6.51
N LYS A 13 -3.59 -0.11 -7.39
CA LYS A 13 -4.59 0.46 -8.29
C LYS A 13 -5.42 -0.64 -8.93
N ILE A 14 -4.76 -1.69 -9.44
CA ILE A 14 -5.46 -2.80 -10.05
C ILE A 14 -6.21 -3.64 -9.00
N LEU A 15 -5.65 -3.70 -7.79
CA LEU A 15 -6.25 -4.44 -6.68
C LEU A 15 -7.64 -3.91 -6.37
N ALA A 16 -7.75 -2.58 -6.28
CA ALA A 16 -9.03 -1.93 -5.99
C ALA A 16 -9.87 -1.79 -7.26
N GLY A 17 -9.20 -1.63 -8.39
CA GLY A 17 -9.90 -1.47 -9.66
C GLY A 17 -9.93 -0.02 -10.11
N ASP A 18 -8.74 0.50 -10.42
CA ASP A 18 -8.56 1.89 -10.86
C ASP A 18 -9.17 2.86 -9.85
N LYS A 19 -9.01 2.56 -8.58
CA LYS A 19 -9.52 3.41 -7.52
C LYS A 19 -8.38 3.86 -6.64
N ASN A 20 -8.39 5.14 -6.27
CA ASN A 20 -7.34 5.71 -5.42
C ASN A 20 -7.64 5.39 -3.96
N TYR A 21 -8.78 4.75 -3.74
CA TYR A 21 -9.21 4.37 -2.41
C TYR A 21 -9.61 2.90 -2.44
N ILE A 22 -9.36 2.20 -1.36
CA ILE A 22 -9.68 0.78 -1.29
C ILE A 22 -10.41 0.47 0.02
N THR A 23 -11.24 -0.56 -0.02
CA THR A 23 -12.01 -0.97 1.15
C THR A 23 -11.06 -1.49 2.25
N MET A 24 -11.36 -1.11 3.48
CA MET A 24 -10.53 -1.48 4.63
C MET A 24 -10.52 -3.00 4.84
N ASP A 25 -11.69 -3.63 4.67
CA ASP A 25 -11.77 -5.05 4.85
C ASP A 25 -11.19 -5.81 3.66
N GLU A 26 -11.25 -5.18 2.48
CA GLU A 26 -10.70 -5.80 1.26
C GLU A 26 -9.19 -5.95 1.37
N LEU A 27 -8.52 -4.87 1.79
CA LEU A 27 -7.07 -4.92 1.95
C LEU A 27 -6.70 -5.82 3.11
N ARG A 28 -7.60 -5.94 4.10
CA ARG A 28 -7.38 -6.81 5.26
C ARG A 28 -7.57 -8.26 4.84
N ARG A 29 -8.22 -8.45 3.70
CA ARG A 29 -8.43 -9.78 3.16
C ARG A 29 -7.24 -10.19 2.30
N GLU A 30 -6.55 -9.19 1.77
CA GLU A 30 -5.38 -9.44 0.93
C GLU A 30 -4.12 -9.49 1.77
N LEU A 31 -3.91 -8.48 2.60
CA LEU A 31 -2.74 -8.41 3.44
C LEU A 31 -3.05 -8.95 4.83
N PRO A 32 -2.06 -9.53 5.50
CA PRO A 32 -2.25 -10.08 6.85
C PRO A 32 -2.69 -8.99 7.82
N PRO A 33 -3.53 -9.35 8.81
CA PRO A 33 -4.05 -8.40 9.82
C PRO A 33 -2.99 -7.41 10.31
N ASP A 34 -1.78 -7.90 10.56
CA ASP A 34 -0.68 -7.07 11.05
C ASP A 34 -0.36 -5.92 10.09
N GLN A 35 -0.14 -6.27 8.84
CA GLN A 35 0.20 -5.29 7.82
C GLN A 35 -1.05 -4.47 7.47
N ALA A 36 -2.16 -5.17 7.33
CA ALA A 36 -3.44 -4.55 7.00
C ALA A 36 -3.83 -3.50 8.02
N GLU A 37 -3.71 -3.82 9.31
CA GLU A 37 -4.09 -2.86 10.34
C GLU A 37 -3.17 -1.65 10.26
N TYR A 38 -1.87 -1.88 10.05
CA TYR A 38 -0.92 -0.79 9.92
C TYR A 38 -1.27 0.06 8.71
N CYS A 39 -1.62 -0.59 7.60
CA CYS A 39 -2.00 0.11 6.38
C CYS A 39 -3.25 0.95 6.62
N ILE A 40 -4.26 0.35 7.26
CA ILE A 40 -5.51 1.04 7.55
C ILE A 40 -5.25 2.31 8.37
N ALA A 41 -4.38 2.18 9.37
CA ALA A 41 -4.04 3.31 10.24
C ALA A 41 -3.17 4.33 9.51
N ARG A 42 -2.34 3.86 8.60
CA ARG A 42 -1.44 4.73 7.85
C ARG A 42 -2.15 5.41 6.68
N MET A 43 -3.34 4.95 6.35
CA MET A 43 -4.11 5.53 5.25
C MET A 43 -4.74 6.84 5.67
N ALA A 44 -5.29 7.56 4.70
CA ALA A 44 -5.94 8.84 4.97
C ALA A 44 -7.39 8.78 4.50
N PRO A 45 -8.27 9.60 5.11
CA PRO A 45 -9.69 9.63 4.76
C PRO A 45 -9.96 9.93 3.28
N TYR A 46 -10.07 8.83 2.51
CA TYR A 46 -10.33 8.82 1.05
C TYR A 46 -10.01 10.14 0.33
N THR A 47 -10.86 11.17 0.46
CA THR A 47 -10.64 12.45 -0.21
C THR A 47 -10.71 12.36 -1.73
N GLY A 48 -11.80 12.86 -2.28
CA GLY A 48 -11.99 12.84 -3.71
C GLY A 48 -13.30 13.49 -4.09
N PRO A 49 -13.78 13.24 -5.31
CA PRO A 49 -15.05 13.79 -5.81
C PRO A 49 -16.24 12.92 -5.42
N ASP A 50 -15.98 11.89 -4.62
CA ASP A 50 -17.03 10.97 -4.19
C ASP A 50 -16.63 10.26 -2.90
N SER A 51 -17.41 10.50 -1.86
CA SER A 51 -17.16 9.91 -0.56
C SER A 51 -17.42 8.42 -0.59
N VAL A 52 -16.35 7.63 -0.58
CA VAL A 52 -16.44 6.19 -0.59
C VAL A 52 -16.42 5.62 0.83
N PRO A 53 -17.58 5.19 1.36
CA PRO A 53 -17.67 4.64 2.72
C PRO A 53 -17.00 3.27 2.84
N GLY A 54 -16.29 3.07 3.95
CA GLY A 54 -15.60 1.80 4.19
C GLY A 54 -14.32 1.68 3.37
N ALA A 55 -14.01 2.74 2.65
CA ALA A 55 -12.82 2.76 1.82
C ALA A 55 -12.02 4.02 2.08
N LEU A 56 -10.71 3.88 2.15
CA LEU A 56 -9.85 5.02 2.41
C LEU A 56 -8.76 5.15 1.36
N ASP A 57 -8.17 6.34 1.29
CA ASP A 57 -7.10 6.62 0.34
C ASP A 57 -5.86 5.78 0.63
N TYR A 58 -5.48 4.95 -0.34
CA TYR A 58 -4.31 4.09 -0.17
C TYR A 58 -3.02 4.82 -0.52
N MET A 59 -3.12 5.81 -1.41
CA MET A 59 -1.97 6.59 -1.86
C MET A 59 -1.24 7.24 -0.68
N SER A 60 -1.98 7.53 0.37
CA SER A 60 -1.41 8.13 1.55
C SER A 60 -0.44 7.18 2.24
N PHE A 61 -0.73 5.88 2.16
CA PHE A 61 0.13 4.88 2.78
C PHE A 61 1.47 4.83 2.06
N SER A 62 1.42 4.80 0.73
CA SER A 62 2.61 4.74 -0.08
C SER A 62 3.42 6.04 0.05
N THR A 63 2.73 7.13 0.33
CA THR A 63 3.37 8.42 0.50
C THR A 63 4.07 8.46 1.85
N ALA A 64 3.40 7.97 2.88
CA ALA A 64 3.97 7.93 4.22
C ALA A 64 5.17 7.00 4.25
N LEU A 65 5.06 5.91 3.51
CA LEU A 65 6.10 4.90 3.44
C LEU A 65 7.25 5.35 2.52
N TYR A 66 6.95 6.31 1.64
CA TYR A 66 7.95 6.83 0.72
C TYR A 66 8.95 7.72 1.44
N GLY A 67 8.46 8.50 2.39
CA GLY A 67 9.32 9.40 3.14
C GLY A 67 10.12 8.71 4.21
N GLU A 68 11.42 8.58 4.00
CA GLU A 68 12.31 7.95 4.96
C GLU A 68 12.92 9.00 5.87
N SER A 69 13.33 8.59 7.06
CA SER A 69 13.92 9.53 8.01
C SER A 69 15.44 9.41 8.01
N ASP A 70 15.97 8.75 6.98
CA ASP A 70 17.40 8.58 6.83
C ASP A 70 17.72 8.32 5.36
N LEU A 71 17.09 9.10 4.49
CA LEU A 71 17.29 8.99 3.05
C LEU A 71 17.05 10.34 2.40
N GLY B 1 -2.87 -10.91 -10.50
CA GLY B 1 -4.07 -11.05 -9.67
C GLY B 1 -3.86 -10.53 -8.27
N LYS B 2 -4.87 -10.71 -7.41
CA LYS B 2 -4.81 -10.26 -6.04
C LYS B 2 -3.60 -10.86 -5.32
N PHE B 3 -3.33 -12.13 -5.61
CA PHE B 3 -2.21 -12.84 -5.00
C PHE B 3 -0.85 -12.33 -5.49
N TYR B 4 -0.79 -11.90 -6.74
CA TYR B 4 0.45 -11.38 -7.32
C TYR B 4 0.76 -10.01 -6.75
N ALA B 5 -0.28 -9.19 -6.63
CA ALA B 5 -0.15 -7.84 -6.10
C ALA B 5 0.38 -7.88 -4.67
N THR B 6 -0.19 -8.76 -3.86
CA THR B 6 0.22 -8.90 -2.47
C THR B 6 1.66 -9.43 -2.39
N PHE B 7 2.00 -10.33 -3.30
CA PHE B 7 3.35 -10.90 -3.38
C PHE B 7 4.38 -9.79 -3.58
N LEU B 8 4.05 -8.86 -4.46
CA LEU B 8 4.94 -7.73 -4.75
C LEU B 8 5.11 -6.84 -3.52
N ILE B 9 4.03 -6.70 -2.76
CA ILE B 9 4.06 -5.88 -1.55
C ILE B 9 5.04 -6.46 -0.54
N GLN B 10 4.92 -7.77 -0.33
CA GLN B 10 5.77 -8.47 0.61
C GLN B 10 7.22 -8.43 0.17
N GLU B 11 7.45 -8.63 -1.12
CA GLU B 11 8.79 -8.61 -1.67
C GLU B 11 9.43 -7.22 -1.47
N TYR B 12 8.64 -6.17 -1.68
CA TYR B 12 9.12 -4.80 -1.50
C TYR B 12 9.53 -4.58 -0.05
N PHE B 13 8.67 -4.99 0.88
CA PHE B 13 8.94 -4.85 2.31
C PHE B 13 10.18 -5.65 2.67
N ARG B 14 10.25 -6.85 2.12
CA ARG B 14 11.36 -7.75 2.34
C ARG B 14 12.68 -7.14 1.87
N LYS B 15 12.75 -6.74 0.61
CA LYS B 15 13.98 -6.16 0.05
C LYS B 15 14.27 -4.78 0.64
N PHE B 16 13.23 -4.10 1.13
CA PHE B 16 13.40 -2.78 1.73
C PHE B 16 14.27 -2.87 2.98
N LYS B 17 14.02 -3.91 3.78
CA LYS B 17 14.79 -4.12 5.00
C LYS B 17 16.28 -4.26 4.68
N LYS B 18 16.58 -5.09 3.71
CA LYS B 18 17.96 -5.34 3.30
C LYS B 18 18.59 -4.06 2.74
N ARG B 19 17.80 -3.32 1.97
CA ARG B 19 18.25 -2.08 1.37
C ARG B 19 18.68 -1.10 2.44
N LYS B 20 17.90 -1.03 3.50
CA LYS B 20 18.19 -0.14 4.61
C LYS B 20 19.45 -0.58 5.35
N GLU B 21 19.66 -1.89 5.44
CA GLU B 21 20.84 -2.43 6.13
C GLU B 21 22.11 -2.10 5.36
N GLN B 22 21.94 -1.86 4.07
CA GLN B 22 23.06 -1.53 3.21
C GLN B 22 23.27 -0.02 3.17
N GLY B 23 22.23 0.71 2.78
CA GLY B 23 22.33 2.14 2.70
C GLY B 23 21.55 2.71 1.55
N ASP A 1 9.59 3.77 -11.00
CA ASP A 1 10.73 3.69 -11.94
C ASP A 1 11.69 2.55 -11.54
N THR A 2 12.80 2.89 -10.89
CA THR A 2 13.79 1.91 -10.48
C THR A 2 13.53 1.43 -9.06
N ASP A 3 12.38 1.82 -8.54
CA ASP A 3 11.99 1.47 -7.21
C ASP A 3 11.02 0.29 -7.20
N THR A 4 10.30 0.16 -6.12
CA THR A 4 9.31 -0.89 -5.98
C THR A 4 8.02 -0.30 -5.41
N ALA A 5 7.97 1.03 -5.40
CA ALA A 5 6.80 1.73 -4.89
C ALA A 5 5.82 1.95 -6.02
N ASP A 6 6.33 2.45 -7.15
CA ASP A 6 5.48 2.67 -8.31
C ASP A 6 4.93 1.33 -8.78
N GLN A 7 5.70 0.28 -8.50
CA GLN A 7 5.31 -1.07 -8.84
C GLN A 7 4.12 -1.46 -7.98
N VAL A 8 4.33 -1.39 -6.67
CA VAL A 8 3.30 -1.69 -5.69
C VAL A 8 2.07 -0.82 -5.89
N MET A 9 2.30 0.44 -6.23
CA MET A 9 1.22 1.38 -6.47
C MET A 9 0.36 0.93 -7.63
N ALA A 10 0.99 0.49 -8.72
CA ALA A 10 0.26 0.00 -9.89
C ALA A 10 -0.52 -1.25 -9.54
N SER A 11 0.13 -2.16 -8.83
CA SER A 11 -0.52 -3.38 -8.39
C SER A 11 -1.68 -3.05 -7.46
N PHE A 12 -1.45 -2.08 -6.57
CA PHE A 12 -2.49 -1.62 -5.67
C PHE A 12 -3.64 -1.08 -6.49
N LYS A 13 -3.30 -0.17 -7.39
CA LYS A 13 -4.27 0.41 -8.32
C LYS A 13 -5.13 -0.67 -8.96
N ILE A 14 -4.49 -1.72 -9.46
CA ILE A 14 -5.19 -2.83 -10.09
C ILE A 14 -6.09 -3.57 -9.10
N LEU A 15 -5.63 -3.69 -7.86
CA LEU A 15 -6.39 -4.39 -6.83
C LEU A 15 -7.63 -3.61 -6.40
N ALA A 16 -7.48 -2.30 -6.31
CA ALA A 16 -8.57 -1.45 -5.88
C ALA A 16 -9.51 -1.10 -7.04
N GLY A 17 -9.11 -1.45 -8.26
CA GLY A 17 -9.92 -1.17 -9.45
C GLY A 17 -9.78 0.27 -9.91
N ASP A 18 -8.54 0.70 -10.09
CA ASP A 18 -8.19 2.07 -10.52
C ASP A 18 -8.51 3.13 -9.45
N LYS A 19 -9.37 2.78 -8.48
CA LYS A 19 -9.74 3.70 -7.42
C LYS A 19 -8.52 4.03 -6.56
N ASN A 20 -8.39 5.28 -6.19
CA ASN A 20 -7.28 5.70 -5.35
C ASN A 20 -7.52 5.27 -3.90
N TYR A 21 -8.75 4.86 -3.64
CA TYR A 21 -9.15 4.39 -2.32
C TYR A 21 -9.59 2.94 -2.39
N ILE A 22 -9.12 2.13 -1.45
CA ILE A 22 -9.46 0.70 -1.42
C ILE A 22 -10.27 0.40 -0.18
N THR A 23 -11.06 -0.66 -0.22
CA THR A 23 -11.89 -1.04 0.89
C THR A 23 -11.05 -1.51 2.07
N MET A 24 -11.46 -1.07 3.25
CA MET A 24 -10.76 -1.40 4.48
C MET A 24 -10.66 -2.91 4.69
N ASP A 25 -11.78 -3.59 4.55
CA ASP A 25 -11.83 -5.03 4.74
C ASP A 25 -11.17 -5.77 3.59
N GLU A 26 -11.11 -5.13 2.43
CA GLU A 26 -10.48 -5.74 1.26
C GLU A 26 -8.99 -5.87 1.48
N LEU A 27 -8.34 -4.78 1.86
CA LEU A 27 -6.91 -4.81 2.10
C LEU A 27 -6.61 -5.69 3.31
N ARG A 28 -7.60 -5.80 4.19
CA ARG A 28 -7.50 -6.63 5.37
C ARG A 28 -7.61 -8.11 5.01
N ARG A 29 -8.31 -8.39 3.93
CA ARG A 29 -8.48 -9.75 3.45
C ARG A 29 -7.25 -10.18 2.68
N GLU A 30 -6.62 -9.20 2.04
CA GLU A 30 -5.43 -9.42 1.25
C GLU A 30 -4.20 -9.46 2.15
N LEU A 31 -3.84 -8.30 2.69
CA LEU A 31 -2.68 -8.20 3.57
C LEU A 31 -2.97 -8.85 4.93
N PRO A 32 -1.92 -9.42 5.58
CA PRO A 32 -2.06 -10.05 6.90
C PRO A 32 -2.67 -9.07 7.91
N PRO A 33 -3.59 -9.55 8.79
CA PRO A 33 -4.27 -8.73 9.79
C PRO A 33 -3.38 -7.66 10.45
N ASP A 34 -2.21 -8.08 10.93
CA ASP A 34 -1.27 -7.17 11.58
C ASP A 34 -0.86 -6.04 10.65
N GLN A 35 -0.55 -6.39 9.42
CA GLN A 35 -0.12 -5.41 8.42
C GLN A 35 -1.30 -4.56 7.99
N ALA A 36 -2.43 -5.19 7.73
CA ALA A 36 -3.63 -4.47 7.32
C ALA A 36 -4.04 -3.43 8.34
N GLU A 37 -4.17 -3.83 9.61
CA GLU A 37 -4.55 -2.90 10.68
C GLU A 37 -3.59 -1.72 10.74
N TYR A 38 -2.30 -2.02 10.55
CA TYR A 38 -1.26 -0.99 10.56
C TYR A 38 -1.45 -0.04 9.37
N CYS A 39 -1.72 -0.62 8.21
CA CYS A 39 -1.94 0.14 6.99
C CYS A 39 -3.20 0.98 7.10
N ILE A 40 -4.22 0.42 7.75
CA ILE A 40 -5.49 1.10 7.93
C ILE A 40 -5.29 2.38 8.74
N ALA A 41 -4.44 2.31 9.76
CA ALA A 41 -4.16 3.47 10.60
C ALA A 41 -3.26 4.45 9.88
N ARG A 42 -2.46 3.94 8.96
CA ARG A 42 -1.52 4.76 8.22
C ARG A 42 -2.12 5.28 6.89
N MET A 43 -3.42 5.21 6.75
CA MET A 43 -4.07 5.68 5.53
C MET A 43 -4.73 7.03 5.77
N ALA A 44 -5.34 7.60 4.74
CA ALA A 44 -5.99 8.87 4.84
C ALA A 44 -7.42 8.75 4.38
N PRO A 45 -8.30 9.62 4.89
CA PRO A 45 -9.72 9.61 4.54
C PRO A 45 -9.99 9.84 3.05
N TYR A 46 -10.03 8.72 2.31
CA TYR A 46 -10.29 8.65 0.85
C TYR A 46 -9.92 9.93 0.06
N THR A 47 -10.74 10.98 0.17
CA THR A 47 -10.45 12.23 -0.56
C THR A 47 -10.55 12.05 -2.07
N GLY A 48 -11.69 12.42 -2.62
CA GLY A 48 -11.89 12.29 -4.03
C GLY A 48 -13.18 12.96 -4.48
N PRO A 49 -13.61 12.74 -5.73
CA PRO A 49 -14.86 13.31 -6.26
C PRO A 49 -16.06 12.44 -5.91
N ASP A 50 -15.81 11.44 -5.09
CA ASP A 50 -16.85 10.53 -4.64
C ASP A 50 -16.52 10.04 -3.24
N SER A 51 -17.36 10.41 -2.27
CA SER A 51 -17.15 9.99 -0.89
C SER A 51 -17.52 8.51 -0.74
N VAL A 52 -16.50 7.67 -0.87
CA VAL A 52 -16.66 6.23 -0.76
C VAL A 52 -16.70 5.78 0.70
N PRO A 53 -17.71 4.95 1.05
CA PRO A 53 -17.88 4.43 2.40
C PRO A 53 -17.10 3.14 2.64
N GLY A 54 -16.37 3.09 3.75
CA GLY A 54 -15.61 1.90 4.09
C GLY A 54 -14.36 1.73 3.27
N ALA A 55 -14.01 2.78 2.55
CA ALA A 55 -12.83 2.75 1.71
C ALA A 55 -12.00 3.98 1.98
N LEU A 56 -10.69 3.81 2.06
CA LEU A 56 -9.81 4.92 2.35
C LEU A 56 -8.66 5.01 1.35
N ASP A 57 -8.06 6.20 1.25
CA ASP A 57 -6.97 6.42 0.32
C ASP A 57 -5.73 5.63 0.70
N TYR A 58 -5.32 4.70 -0.16
CA TYR A 58 -4.14 3.89 0.13
C TYR A 58 -2.85 4.58 -0.33
N MET A 59 -2.98 5.53 -1.27
CA MET A 59 -1.82 6.25 -1.79
C MET A 59 -1.04 6.95 -0.68
N SER A 60 -1.77 7.36 0.34
CA SER A 60 -1.17 8.05 1.48
C SER A 60 -0.21 7.13 2.23
N PHE A 61 -0.54 5.84 2.26
CA PHE A 61 0.29 4.87 2.93
C PHE A 61 1.62 4.71 2.20
N SER A 62 1.53 4.57 0.89
CA SER A 62 2.72 4.42 0.06
C SER A 62 3.56 5.70 0.11
N THR A 63 2.89 6.85 0.25
CA THR A 63 3.58 8.14 0.33
C THR A 63 4.32 8.27 1.66
N ALA A 64 3.63 7.93 2.75
CA ALA A 64 4.24 8.01 4.07
C ALA A 64 5.38 7.01 4.18
N LEU A 65 5.23 5.88 3.50
CA LEU A 65 6.24 4.83 3.48
C LEU A 65 7.40 5.21 2.58
N TYR A 66 7.11 5.93 1.49
CA TYR A 66 8.14 6.34 0.55
C TYR A 66 9.13 7.29 1.22
N GLY A 67 8.60 8.17 2.08
CA GLY A 67 9.46 9.11 2.76
C GLY A 67 10.20 8.47 3.91
N GLU A 68 11.37 7.91 3.63
CA GLU A 68 12.15 7.26 4.67
C GLU A 68 12.88 8.30 5.51
N SER A 69 13.36 7.86 6.68
CA SER A 69 14.08 8.75 7.58
C SER A 69 15.59 8.65 7.29
N ASP A 70 15.92 7.70 6.42
CA ASP A 70 17.31 7.45 6.01
C ASP A 70 17.29 6.81 4.62
N LEU A 71 17.98 7.42 3.69
CA LEU A 71 18.02 6.92 2.33
C LEU A 71 19.29 7.41 1.65
N GLY B 1 -3.37 -9.97 -10.07
CA GLY B 1 -3.52 -10.95 -8.96
C GLY B 1 -3.61 -10.26 -7.62
N LYS B 2 -4.62 -10.60 -6.82
CA LYS B 2 -4.80 -10.00 -5.51
C LYS B 2 -3.61 -10.29 -4.59
N PHE B 3 -3.40 -11.58 -4.30
CA PHE B 3 -2.32 -12.00 -3.41
C PHE B 3 -0.95 -11.66 -4.00
N TYR B 4 -0.88 -11.60 -5.33
CA TYR B 4 0.36 -11.26 -6.01
C TYR B 4 0.84 -9.89 -5.55
N ALA B 5 -0.09 -8.96 -5.44
CA ALA B 5 0.23 -7.60 -5.00
C ALA B 5 0.54 -7.60 -3.52
N THR B 6 -0.20 -8.41 -2.78
CA THR B 6 0.00 -8.55 -1.35
C THR B 6 1.42 -9.03 -1.04
N PHE B 7 1.85 -10.07 -1.75
CA PHE B 7 3.19 -10.63 -1.58
C PHE B 7 4.25 -9.59 -1.93
N LEU B 8 3.96 -8.78 -2.94
CA LEU B 8 4.90 -7.75 -3.37
C LEU B 8 5.21 -6.79 -2.22
N ILE B 9 4.17 -6.43 -1.47
CA ILE B 9 4.32 -5.54 -0.33
C ILE B 9 5.01 -6.26 0.82
N GLN B 10 4.66 -7.52 1.04
CA GLN B 10 5.26 -8.31 2.10
C GLN B 10 6.75 -8.52 1.82
N GLU B 11 7.07 -8.82 0.57
CA GLU B 11 8.46 -9.03 0.14
C GLU B 11 9.27 -7.74 0.33
N TYR B 12 8.65 -6.61 0.10
CA TYR B 12 9.32 -5.33 0.26
C TYR B 12 9.68 -5.13 1.73
N PHE B 13 8.82 -5.64 2.61
CA PHE B 13 9.06 -5.53 4.04
C PHE B 13 10.30 -6.33 4.42
N ARG B 14 10.42 -7.50 3.81
CA ARG B 14 11.55 -8.38 4.05
C ARG B 14 12.84 -7.78 3.50
N LYS B 15 12.76 -7.18 2.31
CA LYS B 15 13.95 -6.58 1.70
C LYS B 15 14.29 -5.25 2.37
N PHE B 16 13.27 -4.59 2.93
CA PHE B 16 13.45 -3.32 3.61
C PHE B 16 14.36 -3.49 4.82
N LYS B 17 14.17 -4.59 5.55
CA LYS B 17 15.00 -4.88 6.71
C LYS B 17 16.45 -5.09 6.26
N LYS B 18 16.61 -5.88 5.21
CA LYS B 18 17.92 -6.18 4.65
C LYS B 18 18.60 -4.88 4.20
N ARG B 19 17.82 -4.01 3.56
CA ARG B 19 18.32 -2.71 3.10
C ARG B 19 18.93 -1.93 4.27
N LYS B 20 18.21 -1.93 5.39
CA LYS B 20 18.63 -1.19 6.59
C LYS B 20 19.92 -1.75 7.18
N GLU B 21 20.16 -3.04 6.95
CA GLU B 21 21.35 -3.68 7.47
C GLU B 21 22.53 -3.43 6.56
N GLN B 22 22.28 -2.81 5.43
CA GLN B 22 23.34 -2.53 4.49
C GLN B 22 23.71 -1.05 4.51
N GLY B 23 22.85 -0.24 3.91
CA GLY B 23 23.10 1.18 3.83
C GLY B 23 22.51 1.77 2.56
N ASP A 1 11.12 2.33 -11.61
CA ASP A 1 12.09 1.76 -12.56
C ASP A 1 12.98 0.72 -11.88
N THR A 2 13.88 1.17 -11.00
CA THR A 2 14.77 0.25 -10.28
C THR A 2 14.17 -0.12 -8.93
N ASP A 3 13.18 0.66 -8.53
CA ASP A 3 12.50 0.45 -7.26
C ASP A 3 11.31 -0.48 -7.45
N THR A 4 10.39 -0.46 -6.49
CA THR A 4 9.19 -1.28 -6.56
C THR A 4 8.02 -0.53 -5.94
N ALA A 5 8.24 0.76 -5.67
CA ALA A 5 7.21 1.62 -5.10
C ALA A 5 6.15 1.93 -6.14
N ASP A 6 6.60 2.43 -7.30
CA ASP A 6 5.72 2.75 -8.42
C ASP A 6 4.96 1.49 -8.84
N GLN A 7 5.64 0.35 -8.76
CA GLN A 7 5.05 -0.93 -9.10
C GLN A 7 4.00 -1.33 -8.07
N VAL A 8 4.31 -1.11 -6.80
CA VAL A 8 3.37 -1.42 -5.72
C VAL A 8 2.11 -0.55 -5.85
N MET A 9 2.32 0.73 -6.16
CA MET A 9 1.20 1.66 -6.35
C MET A 9 0.28 1.20 -7.47
N ALA A 10 0.86 0.84 -8.61
CA ALA A 10 0.08 0.37 -9.76
C ALA A 10 -0.60 -0.94 -9.45
N SER A 11 0.12 -1.85 -8.81
CA SER A 11 -0.43 -3.15 -8.43
C SER A 11 -1.58 -2.95 -7.46
N PHE A 12 -1.39 -2.02 -6.52
CA PHE A 12 -2.42 -1.67 -5.54
C PHE A 12 -3.62 -1.13 -6.28
N LYS A 13 -3.39 -0.09 -7.08
CA LYS A 13 -4.45 0.53 -7.88
C LYS A 13 -5.28 -0.54 -8.56
N ILE A 14 -4.61 -1.54 -9.15
CA ILE A 14 -5.30 -2.65 -9.80
C ILE A 14 -6.14 -3.43 -8.80
N LEU A 15 -5.55 -3.70 -7.63
CA LEU A 15 -6.22 -4.42 -6.55
C LEU A 15 -7.47 -3.67 -6.11
N ALA A 16 -7.35 -2.35 -6.04
CA ALA A 16 -8.44 -1.49 -5.64
C ALA A 16 -9.48 -1.38 -6.76
N GLY A 17 -9.03 -1.61 -8.00
CA GLY A 17 -9.92 -1.53 -9.14
C GLY A 17 -9.95 -0.14 -9.73
N ASP A 18 -8.78 0.35 -10.14
CA ASP A 18 -8.65 1.69 -10.74
C ASP A 18 -9.14 2.79 -9.80
N LYS A 19 -9.02 2.54 -8.49
CA LYS A 19 -9.48 3.52 -7.49
C LYS A 19 -8.32 3.99 -6.64
N ASN A 20 -8.37 5.26 -6.24
CA ASN A 20 -7.33 5.84 -5.39
C ASN A 20 -7.58 5.47 -3.94
N TYR A 21 -8.75 4.90 -3.69
CA TYR A 21 -9.14 4.47 -2.36
C TYR A 21 -9.56 3.00 -2.38
N ILE A 22 -9.09 2.24 -1.39
CA ILE A 22 -9.41 0.83 -1.30
C ILE A 22 -10.22 0.54 -0.03
N THR A 23 -11.01 -0.52 -0.07
CA THR A 23 -11.85 -0.91 1.07
C THR A 23 -10.99 -1.41 2.21
N MET A 24 -11.32 -1.00 3.44
CA MET A 24 -10.54 -1.38 4.61
C MET A 24 -10.50 -2.90 4.80
N ASP A 25 -11.65 -3.55 4.55
CA ASP A 25 -11.76 -5.00 4.69
C ASP A 25 -11.06 -5.71 3.53
N GLU A 26 -11.14 -5.11 2.34
CA GLU A 26 -10.51 -5.69 1.16
C GLU A 26 -9.01 -5.85 1.34
N LEU A 27 -8.33 -4.77 1.74
CA LEU A 27 -6.89 -4.81 1.96
C LEU A 27 -6.56 -5.71 3.13
N ARG A 28 -7.49 -5.80 4.07
CA ARG A 28 -7.33 -6.64 5.25
C ARG A 28 -7.45 -8.11 4.85
N ARG A 29 -8.15 -8.35 3.75
CA ARG A 29 -8.33 -9.70 3.23
C ARG A 29 -7.15 -10.08 2.35
N GLU A 30 -6.45 -9.05 1.86
CA GLU A 30 -5.27 -9.23 1.02
C GLU A 30 -4.02 -9.39 1.88
N LEU A 31 -3.64 -8.30 2.53
CA LEU A 31 -2.48 -8.27 3.41
C LEU A 31 -2.81 -8.89 4.75
N PRO A 32 -1.81 -9.53 5.40
CA PRO A 32 -1.99 -10.15 6.71
C PRO A 32 -2.52 -9.14 7.72
N PRO A 33 -3.39 -9.59 8.65
CA PRO A 33 -4.02 -8.76 9.68
C PRO A 33 -3.09 -7.72 10.29
N ASP A 34 -1.87 -8.14 10.65
CA ASP A 34 -0.86 -7.26 11.24
C ASP A 34 -0.53 -6.08 10.33
N GLN A 35 -0.28 -6.37 9.05
CA GLN A 35 0.06 -5.33 8.08
C GLN A 35 -1.17 -4.51 7.71
N ALA A 36 -2.31 -5.19 7.56
CA ALA A 36 -3.58 -4.52 7.23
C ALA A 36 -3.92 -3.45 8.24
N GLU A 37 -3.92 -3.81 9.53
CA GLU A 37 -4.24 -2.85 10.59
C GLU A 37 -3.29 -1.66 10.54
N TYR A 38 -2.01 -1.93 10.29
CA TYR A 38 -1.01 -0.88 10.18
C TYR A 38 -1.31 0.01 8.98
N CYS A 39 -1.64 -0.61 7.85
CA CYS A 39 -1.97 0.12 6.64
C CYS A 39 -3.21 0.98 6.84
N ILE A 40 -4.23 0.39 7.48
CA ILE A 40 -5.48 1.09 7.76
C ILE A 40 -5.23 2.34 8.59
N ALA A 41 -4.42 2.21 9.63
CA ALA A 41 -4.11 3.34 10.49
C ALA A 41 -3.22 4.37 9.80
N ARG A 42 -2.47 3.93 8.79
CA ARG A 42 -1.57 4.84 8.07
C ARG A 42 -2.23 5.45 6.84
N MET A 43 -3.45 5.00 6.53
CA MET A 43 -4.16 5.53 5.37
C MET A 43 -4.90 6.80 5.77
N ALA A 44 -5.35 7.56 4.79
CA ALA A 44 -6.07 8.79 5.07
C ALA A 44 -7.47 8.70 4.50
N PRO A 45 -8.45 9.41 5.09
CA PRO A 45 -9.83 9.40 4.64
C PRO A 45 -9.99 9.76 3.16
N TYR A 46 -10.21 8.71 2.36
CA TYR A 46 -10.42 8.75 0.90
C TYR A 46 -10.05 10.08 0.20
N THR A 47 -10.82 11.15 0.40
CA THR A 47 -10.52 12.44 -0.25
C THR A 47 -10.73 12.37 -1.76
N GLY A 48 -11.92 12.76 -2.21
CA GLY A 48 -12.20 12.73 -3.63
C GLY A 48 -13.58 13.26 -3.99
N PRO A 49 -13.91 13.30 -5.30
CA PRO A 49 -15.21 13.77 -5.79
C PRO A 49 -16.35 12.78 -5.55
N ASP A 50 -16.01 11.72 -4.84
CA ASP A 50 -16.97 10.65 -4.53
C ASP A 50 -16.64 10.07 -3.17
N SER A 51 -17.49 10.37 -2.22
CA SER A 51 -17.32 9.88 -0.86
C SER A 51 -17.62 8.39 -0.80
N VAL A 52 -16.55 7.61 -0.77
CA VAL A 52 -16.63 6.16 -0.72
C VAL A 52 -16.74 5.65 0.71
N PRO A 53 -17.78 4.86 1.02
CA PRO A 53 -17.99 4.31 2.35
C PRO A 53 -17.22 3.03 2.59
N GLY A 54 -16.51 2.96 3.70
CA GLY A 54 -15.74 1.79 4.06
C GLY A 54 -14.42 1.71 3.32
N ALA A 55 -14.12 2.73 2.54
CA ALA A 55 -12.89 2.79 1.76
C ALA A 55 -12.08 4.02 2.14
N LEU A 56 -10.76 3.88 2.12
CA LEU A 56 -9.87 4.98 2.47
C LEU A 56 -8.77 5.14 1.43
N ASP A 57 -8.23 6.35 1.33
CA ASP A 57 -7.17 6.65 0.34
C ASP A 57 -5.91 5.84 0.62
N TYR A 58 -5.60 4.91 -0.27
CA TYR A 58 -4.42 4.06 -0.11
C TYR A 58 -3.14 4.81 -0.48
N MET A 59 -3.26 5.77 -1.39
CA MET A 59 -2.11 6.56 -1.84
C MET A 59 -1.41 7.21 -0.67
N SER A 60 -2.20 7.56 0.36
CA SER A 60 -1.66 8.19 1.56
C SER A 60 -0.71 7.25 2.30
N PHE A 61 -0.96 5.94 2.21
CA PHE A 61 -0.11 4.95 2.87
C PHE A 61 1.25 4.88 2.19
N SER A 62 1.22 4.72 0.88
CA SER A 62 2.43 4.64 0.08
C SER A 62 3.23 5.94 0.15
N THR A 63 2.52 7.06 0.16
CA THR A 63 3.17 8.37 0.24
C THR A 63 3.86 8.54 1.58
N ALA A 64 3.19 8.09 2.64
CA ALA A 64 3.72 8.18 4.00
C ALA A 64 4.90 7.21 4.18
N LEU A 65 4.89 6.11 3.42
CA LEU A 65 5.95 5.12 3.47
C LEU A 65 7.15 5.56 2.64
N TYR A 66 6.88 6.38 1.63
CA TYR A 66 7.92 6.90 0.73
C TYR A 66 8.91 7.78 1.48
N GLY A 67 8.41 8.53 2.46
CA GLY A 67 9.26 9.41 3.24
C GLY A 67 9.98 8.69 4.36
N GLU A 68 11.22 8.29 4.08
CA GLU A 68 12.04 7.58 5.06
C GLU A 68 12.76 8.58 5.97
N SER A 69 13.23 8.11 7.12
CA SER A 69 13.94 8.96 8.07
C SER A 69 15.36 9.23 7.59
N ASP A 70 16.00 8.18 7.09
CA ASP A 70 17.37 8.28 6.59
C ASP A 70 17.46 7.70 5.17
N LEU A 71 17.27 8.59 4.19
CA LEU A 71 17.34 8.22 2.77
C LEU A 71 17.55 9.47 1.92
N GLY B 1 -2.24 -9.44 -12.51
CA GLY B 1 -3.52 -9.80 -11.84
C GLY B 1 -3.50 -9.56 -10.34
N LYS B 2 -4.31 -10.33 -9.60
CA LYS B 2 -4.39 -10.20 -8.15
C LYS B 2 -3.16 -10.75 -7.43
N PHE B 3 -2.95 -12.07 -7.54
CA PHE B 3 -1.84 -12.76 -6.89
C PHE B 3 -0.46 -12.18 -7.25
N TYR B 4 -0.30 -11.70 -8.47
CA TYR B 4 0.97 -11.15 -8.92
C TYR B 4 1.23 -9.76 -8.30
N ALA B 5 0.17 -8.99 -8.12
CA ALA B 5 0.26 -7.65 -7.57
C ALA B 5 0.62 -7.66 -6.08
N THR B 6 0.02 -8.59 -5.33
CA THR B 6 0.29 -8.71 -3.90
C THR B 6 1.67 -9.29 -3.67
N PHE B 7 2.12 -10.13 -4.61
CA PHE B 7 3.45 -10.74 -4.54
C PHE B 7 4.53 -9.67 -4.66
N LEU B 8 4.25 -8.68 -5.51
CA LEU B 8 5.17 -7.56 -5.73
C LEU B 8 5.21 -6.65 -4.51
N ILE B 9 4.07 -6.53 -3.82
CA ILE B 9 3.98 -5.71 -2.61
C ILE B 9 4.84 -6.31 -1.51
N GLN B 10 4.73 -7.63 -1.35
CA GLN B 10 5.49 -8.37 -0.35
C GLN B 10 6.98 -8.36 -0.69
N GLU B 11 7.26 -8.38 -2.00
CA GLU B 11 8.65 -8.36 -2.48
C GLU B 11 9.30 -7.01 -2.19
N TYR B 12 8.50 -5.95 -2.25
CA TYR B 12 8.97 -4.60 -1.97
C TYR B 12 9.39 -4.46 -0.52
N PHE B 13 8.58 -5.06 0.38
CA PHE B 13 8.85 -5.03 1.80
C PHE B 13 10.14 -5.79 2.14
N ARG B 14 10.36 -6.91 1.44
CA ARG B 14 11.54 -7.74 1.64
C ARG B 14 12.81 -7.04 1.16
N LYS B 15 12.73 -6.41 -0.01
CA LYS B 15 13.88 -5.72 -0.59
C LYS B 15 14.09 -4.34 0.06
N PHE B 16 13.11 -3.88 0.83
CA PHE B 16 13.23 -2.58 1.52
C PHE B 16 14.05 -2.76 2.78
N LYS B 17 13.76 -3.82 3.53
CA LYS B 17 14.49 -4.11 4.75
C LYS B 17 15.94 -4.45 4.44
N LYS B 18 16.16 -5.28 3.43
CA LYS B 18 17.52 -5.69 3.03
C LYS B 18 18.31 -4.51 2.46
N ARG B 19 17.59 -3.56 1.84
CA ARG B 19 18.22 -2.37 1.27
C ARG B 19 18.69 -1.44 2.38
N LYS B 20 18.03 -1.52 3.53
CA LYS B 20 18.38 -0.70 4.68
C LYS B 20 19.65 -1.22 5.34
N GLU B 21 19.90 -2.52 5.21
CA GLU B 21 21.08 -3.14 5.78
C GLU B 21 22.32 -2.78 4.96
N GLN B 22 22.09 -2.41 3.70
CA GLN B 22 23.17 -2.02 2.81
C GLN B 22 23.46 -0.53 2.93
N GLY B 23 22.42 0.28 2.85
CA GLY B 23 22.58 1.71 2.95
C GLY B 23 22.01 2.41 1.76
N ASP A 1 10.66 2.05 -11.45
CA ASP A 1 11.73 1.67 -12.40
C ASP A 1 12.47 0.41 -11.92
N THR A 2 13.54 0.60 -11.15
CA THR A 2 14.31 -0.52 -10.62
C THR A 2 13.77 -0.92 -9.25
N ASP A 3 12.86 -0.10 -8.76
CA ASP A 3 12.25 -0.34 -7.45
C ASP A 3 11.07 -1.31 -7.56
N THR A 4 10.28 -1.40 -6.51
CA THR A 4 9.14 -2.28 -6.51
C THR A 4 7.95 -1.55 -5.89
N ALA A 5 8.12 -0.25 -5.67
CA ALA A 5 7.06 0.58 -5.09
C ALA A 5 6.10 1.00 -6.18
N ASP A 6 6.66 1.48 -7.30
CA ASP A 6 5.85 1.89 -8.44
C ASP A 6 4.96 0.73 -8.87
N GLN A 7 5.56 -0.45 -8.85
CA GLN A 7 4.86 -1.68 -9.20
C GLN A 7 3.73 -1.96 -8.22
N VAL A 8 4.03 -1.81 -6.92
CA VAL A 8 3.02 -2.04 -5.88
C VAL A 8 1.88 -1.04 -6.05
N MET A 9 2.23 0.19 -6.39
CA MET A 9 1.25 1.24 -6.59
C MET A 9 0.31 0.91 -7.73
N ALA A 10 0.86 0.47 -8.85
CA ALA A 10 0.06 0.09 -10.01
C ALA A 10 -0.79 -1.12 -9.67
N SER A 11 -0.20 -2.06 -8.97
CA SER A 11 -0.90 -3.26 -8.57
C SER A 11 -2.03 -2.93 -7.60
N PHE A 12 -1.78 -2.02 -6.68
CA PHE A 12 -2.80 -1.59 -5.74
C PHE A 12 -3.93 -0.94 -6.51
N LYS A 13 -3.57 0.01 -7.36
CA LYS A 13 -4.53 0.67 -8.23
C LYS A 13 -5.40 -0.35 -8.94
N ILE A 14 -4.76 -1.36 -9.54
CA ILE A 14 -5.48 -2.43 -10.23
C ILE A 14 -6.34 -3.23 -9.25
N LEU A 15 -5.73 -3.57 -8.11
CA LEU A 15 -6.38 -4.37 -7.05
C LEU A 15 -7.74 -3.79 -6.67
N ALA A 16 -7.77 -2.49 -6.43
CA ALA A 16 -9.02 -1.84 -6.06
C ALA A 16 -9.88 -1.58 -7.29
N GLY A 17 -9.23 -1.27 -8.41
CA GLY A 17 -9.95 -1.01 -9.65
C GLY A 17 -9.89 0.46 -10.03
N ASP A 18 -8.68 0.93 -10.28
CA ASP A 18 -8.42 2.32 -10.64
C ASP A 18 -9.03 3.25 -9.59
N LYS A 19 -8.91 2.86 -8.34
CA LYS A 19 -9.44 3.63 -7.24
C LYS A 19 -8.32 4.13 -6.35
N ASN A 20 -8.40 5.40 -5.99
CA ASN A 20 -7.41 6.03 -5.13
C ASN A 20 -7.68 5.63 -3.69
N TYR A 21 -8.92 5.24 -3.45
CA TYR A 21 -9.35 4.80 -2.14
C TYR A 21 -9.73 3.32 -2.18
N ILE A 22 -9.07 2.51 -1.35
CA ILE A 22 -9.34 1.08 -1.30
C ILE A 22 -10.17 0.73 -0.06
N THR A 23 -10.96 -0.33 -0.17
CA THR A 23 -11.80 -0.78 0.92
C THR A 23 -10.91 -1.36 2.03
N MET A 24 -11.24 -1.04 3.28
CA MET A 24 -10.46 -1.48 4.44
C MET A 24 -10.43 -3.01 4.56
N ASP A 25 -11.58 -3.65 4.40
CA ASP A 25 -11.66 -5.11 4.51
C ASP A 25 -10.96 -5.81 3.35
N GLU A 26 -11.00 -5.22 2.17
CA GLU A 26 -10.36 -5.82 0.99
C GLU A 26 -8.86 -5.92 1.20
N LEU A 27 -8.25 -4.82 1.60
CA LEU A 27 -6.81 -4.80 1.84
C LEU A 27 -6.45 -5.70 3.01
N ARG A 28 -7.38 -5.85 3.94
CA ARG A 28 -7.17 -6.71 5.10
C ARG A 28 -7.27 -8.18 4.71
N ARG A 29 -8.01 -8.45 3.63
CA ARG A 29 -8.15 -9.80 3.12
C ARG A 29 -6.89 -10.20 2.35
N GLU A 30 -6.24 -9.18 1.78
CA GLU A 30 -5.04 -9.36 0.99
C GLU A 30 -3.81 -9.48 1.88
N LEU A 31 -3.45 -8.36 2.53
CA LEU A 31 -2.29 -8.33 3.41
C LEU A 31 -2.61 -8.97 4.75
N PRO A 32 -1.61 -9.50 5.47
CA PRO A 32 -1.83 -10.11 6.78
C PRO A 32 -2.48 -9.12 7.75
N PRO A 33 -3.24 -9.61 8.73
CA PRO A 33 -3.94 -8.75 9.70
C PRO A 33 -3.07 -7.62 10.26
N ASP A 34 -1.94 -7.97 10.87
CA ASP A 34 -1.05 -6.99 11.46
C ASP A 34 -0.59 -5.93 10.45
N GLN A 35 -0.30 -6.37 9.24
CA GLN A 35 0.15 -5.46 8.19
C GLN A 35 -1.00 -4.57 7.73
N ALA A 36 -2.11 -5.20 7.34
CA ALA A 36 -3.28 -4.46 6.87
C ALA A 36 -3.78 -3.46 7.92
N GLU A 37 -3.84 -3.87 9.17
CA GLU A 37 -4.28 -2.99 10.23
C GLU A 37 -3.34 -1.80 10.35
N TYR A 38 -2.05 -2.05 10.18
CA TYR A 38 -1.04 -1.00 10.24
C TYR A 38 -1.21 -0.07 9.03
N CYS A 39 -1.43 -0.66 7.86
CA CYS A 39 -1.62 0.11 6.65
C CYS A 39 -2.88 0.97 6.75
N ILE A 40 -3.93 0.40 7.34
CA ILE A 40 -5.18 1.10 7.54
C ILE A 40 -4.98 2.36 8.40
N ALA A 41 -4.10 2.26 9.40
CA ALA A 41 -3.82 3.37 10.28
C ALA A 41 -2.87 4.38 9.65
N ARG A 42 -2.16 3.96 8.61
CA ARG A 42 -1.21 4.83 7.95
C ARG A 42 -1.76 5.38 6.64
N MET A 43 -3.09 5.39 6.52
CA MET A 43 -3.75 5.90 5.34
C MET A 43 -4.44 7.23 5.64
N ALA A 44 -5.16 7.76 4.66
CA ALA A 44 -5.88 9.00 4.86
C ALA A 44 -7.35 8.81 4.50
N PRO A 45 -8.25 9.56 5.15
CA PRO A 45 -9.69 9.45 4.91
C PRO A 45 -10.06 9.71 3.44
N TYR A 46 -10.24 8.60 2.69
CA TYR A 46 -10.59 8.58 1.25
C TYR A 46 -10.23 9.86 0.45
N THR A 47 -11.02 10.93 0.58
CA THR A 47 -10.75 12.18 -0.12
C THR A 47 -10.90 12.04 -1.64
N GLY A 48 -12.03 12.50 -2.15
CA GLY A 48 -12.31 12.43 -3.57
C GLY A 48 -13.67 13.00 -3.91
N PRO A 49 -14.04 13.08 -5.20
CA PRO A 49 -15.34 13.61 -5.64
C PRO A 49 -16.48 12.64 -5.33
N ASP A 50 -16.16 11.57 -4.64
CA ASP A 50 -17.13 10.55 -4.29
C ASP A 50 -16.81 9.98 -2.91
N SER A 51 -17.63 10.32 -1.93
CA SER A 51 -17.44 9.86 -0.56
C SER A 51 -17.70 8.36 -0.45
N VAL A 52 -16.65 7.59 -0.63
CA VAL A 52 -16.73 6.14 -0.55
C VAL A 52 -16.76 5.65 0.89
N PRO A 53 -17.80 4.89 1.25
CA PRO A 53 -17.93 4.33 2.59
C PRO A 53 -17.13 3.05 2.76
N GLY A 54 -16.35 2.97 3.83
CA GLY A 54 -15.56 1.79 4.10
C GLY A 54 -14.27 1.73 3.29
N ALA A 55 -13.93 2.82 2.62
CA ALA A 55 -12.72 2.87 1.82
C ALA A 55 -11.90 4.08 2.20
N LEU A 56 -10.58 3.92 2.18
CA LEU A 56 -9.69 5.00 2.54
C LEU A 56 -8.61 5.22 1.48
N ASP A 57 -8.07 6.42 1.42
CA ASP A 57 -7.02 6.78 0.46
C ASP A 57 -5.77 5.92 0.65
N TYR A 58 -5.42 5.16 -0.38
CA TYR A 58 -4.27 4.28 -0.34
C TYR A 58 -2.98 5.02 -0.75
N MET A 59 -3.13 6.05 -1.58
CA MET A 59 -1.99 6.84 -2.06
C MET A 59 -1.22 7.46 -0.91
N SER A 60 -1.96 7.86 0.12
CA SER A 60 -1.39 8.50 1.30
C SER A 60 -0.47 7.53 2.02
N PHE A 61 -0.85 6.26 2.04
CA PHE A 61 -0.02 5.24 2.68
C PHE A 61 1.31 5.13 1.96
N SER A 62 1.26 5.12 0.63
CA SER A 62 2.46 5.04 -0.19
C SER A 62 3.32 6.28 0.03
N THR A 63 2.66 7.41 0.27
CA THR A 63 3.34 8.68 0.50
C THR A 63 4.06 8.66 1.85
N ALA A 64 3.35 8.28 2.90
CA ALA A 64 3.91 8.23 4.23
C ALA A 64 5.04 7.20 4.29
N LEU A 65 4.89 6.16 3.49
CA LEU A 65 5.89 5.10 3.43
C LEU A 65 7.12 5.54 2.65
N TYR A 66 6.92 6.50 1.74
CA TYR A 66 8.00 7.01 0.92
C TYR A 66 8.91 7.94 1.74
N GLY A 67 8.32 8.71 2.63
CA GLY A 67 9.09 9.62 3.46
C GLY A 67 9.89 8.86 4.50
N GLU A 68 11.19 9.00 4.43
CA GLU A 68 12.08 8.34 5.37
C GLU A 68 12.59 9.35 6.38
N SER A 69 12.91 8.87 7.57
CA SER A 69 13.41 9.75 8.63
C SER A 69 14.91 9.95 8.48
N ASP A 70 15.55 8.97 7.85
CA ASP A 70 16.99 9.01 7.61
C ASP A 70 17.28 8.46 6.22
N LEU A 71 17.25 9.35 5.23
CA LEU A 71 17.50 8.96 3.85
C LEU A 71 18.05 10.16 3.10
N GLY B 1 -3.14 -9.28 -10.94
CA GLY B 1 -3.24 -10.37 -9.94
C GLY B 1 -3.32 -9.83 -8.53
N LYS B 2 -4.06 -10.52 -7.68
CA LYS B 2 -4.23 -10.11 -6.31
C LYS B 2 -3.05 -10.57 -5.46
N PHE B 3 -2.78 -11.88 -5.47
CA PHE B 3 -1.70 -12.45 -4.70
C PHE B 3 -0.37 -11.92 -5.19
N TYR B 4 -0.28 -11.68 -6.49
CA TYR B 4 0.94 -11.15 -7.10
C TYR B 4 1.27 -9.79 -6.48
N ALA B 5 0.23 -8.99 -6.30
CA ALA B 5 0.39 -7.66 -5.72
C ALA B 5 0.85 -7.76 -4.27
N THR B 6 0.24 -8.67 -3.51
CA THR B 6 0.59 -8.87 -2.11
C THR B 6 2.06 -9.26 -1.98
N PHE B 7 2.51 -10.14 -2.85
CA PHE B 7 3.90 -10.60 -2.84
C PHE B 7 4.87 -9.46 -3.13
N LEU B 8 4.46 -8.53 -4.00
CA LEU B 8 5.29 -7.38 -4.35
C LEU B 8 5.49 -6.50 -3.13
N ILE B 9 4.41 -6.30 -2.37
CA ILE B 9 4.46 -5.47 -1.17
C ILE B 9 5.37 -6.12 -0.13
N GLN B 10 5.23 -7.42 0.02
CA GLN B 10 6.03 -8.17 0.99
C GLN B 10 7.53 -8.04 0.70
N GLU B 11 7.90 -8.23 -0.56
CA GLU B 11 9.30 -8.15 -0.96
C GLU B 11 9.84 -6.73 -0.81
N TYR B 12 8.99 -5.73 -1.08
CA TYR B 12 9.42 -4.34 -0.96
C TYR B 12 9.77 -4.01 0.48
N PHE B 13 8.89 -4.41 1.40
CA PHE B 13 9.12 -4.18 2.83
C PHE B 13 10.36 -4.92 3.27
N ARG B 14 10.53 -6.13 2.75
CA ARG B 14 11.68 -6.96 3.08
C ARG B 14 12.99 -6.31 2.60
N LYS B 15 13.06 -5.99 1.31
CA LYS B 15 14.28 -5.39 0.75
C LYS B 15 14.54 -4.00 1.36
N PHE B 16 13.47 -3.33 1.78
CA PHE B 16 13.61 -2.01 2.40
C PHE B 16 14.40 -2.11 3.69
N LYS B 17 14.11 -3.14 4.47
CA LYS B 17 14.80 -3.37 5.73
C LYS B 17 16.28 -3.64 5.46
N LYS B 18 16.54 -4.42 4.42
CA LYS B 18 17.90 -4.75 4.02
C LYS B 18 18.64 -3.50 3.56
N ARG B 19 17.92 -2.64 2.83
CA ARG B 19 18.48 -1.40 2.33
C ARG B 19 18.99 -0.55 3.50
N LYS B 20 18.19 -0.50 4.55
CA LYS B 20 18.53 0.28 5.75
C LYS B 20 19.77 -0.32 6.42
N GLU B 21 19.96 -1.62 6.25
CA GLU B 21 21.11 -2.32 6.82
C GLU B 21 22.38 -1.92 6.06
N GLN B 22 22.21 -1.53 4.81
CA GLN B 22 23.31 -1.12 3.97
C GLN B 22 23.59 0.37 4.17
N GLY B 23 22.59 1.20 3.86
CA GLY B 23 22.74 2.63 4.02
C GLY B 23 21.96 3.37 2.97
#